data_5EPQ
#
_entry.id   5EPQ
#
_cell.length_a   32.221
_cell.length_b   33.321
_cell.length_c   39.919
_cell.angle_alpha   99.22
_cell.angle_beta   99.97
_cell.angle_gamma   103.76
#
_symmetry.space_group_name_H-M   'P 1'
#
loop_
_entity.id
_entity.type
_entity.pdbx_description
1 polymer 'Milk protein'
2 branched beta-D-mannopyranose-(1-4)-2-acetamido-2-deoxy-beta-D-glucopyranose-(1-4)-2-acetamido-2-deoxy-beta-D-glucopyranose
3 branched 2-acetamido-2-deoxy-beta-D-glucopyranose-(1-4)-2-acetamido-2-deoxy-beta-D-glucopyranose
4 non-polymer 2-acetamido-2-deoxy-beta-D-glucopyranose
5 non-polymer 'OLEIC ACID'
6 non-polymer 1,2-ETHANEDIOL
7 water water
#
_entity_poly.entity_id   1
_entity_poly.type   'polypeptide(L)'
_entity_poly.pdbx_seq_one_letter_code
;IAAILVANAKEPCPPENLQLPPRALVGKWYLRTTSPDIFKQVSNITEFYSAHGNDYYGTVTDYSPEYGLEAHRVNLTVSG
STLKFYMNDTHDYDSEYQILAVDKDYFIFYGHPPAAPSGLALIHYRQSCPKEDVIKRVKKNLKNVCLDYKYFGNDTSVPC
HYVE
;
_entity_poly.pdbx_strand_id   A
#
# COMPACT_ATOMS: atom_id res chain seq x y z
N LYS A 10 -3.21 9.42 -11.96
CA LYS A 10 -4.61 9.84 -12.05
C LYS A 10 -5.27 9.80 -10.67
N GLU A 11 -6.09 10.81 -10.39
CA GLU A 11 -6.86 10.85 -9.16
C GLU A 11 -8.03 9.88 -9.24
N PRO A 12 -8.23 9.09 -8.17
CA PRO A 12 -9.34 8.12 -8.12
C PRO A 12 -10.67 8.74 -7.75
N CYS A 13 -11.74 8.00 -7.96
CA CYS A 13 -13.06 8.37 -7.46
C CYS A 13 -13.44 7.39 -6.35
N PRO A 14 -13.11 7.73 -5.10
CA PRO A 14 -13.35 6.83 -3.97
C PRO A 14 -14.83 6.54 -3.77
N PRO A 15 -15.17 5.32 -3.30
CA PRO A 15 -16.54 4.98 -2.96
C PRO A 15 -17.07 5.87 -1.85
N GLU A 16 -18.31 6.35 -1.97
CA GLU A 16 -18.87 7.28 -1.00
C GLU A 16 -19.02 6.66 0.38
N ASN A 17 -19.46 5.41 0.44
CA ASN A 17 -19.73 4.75 1.71
C ASN A 17 -18.76 3.61 2.00
N LEU A 18 -17.52 3.74 1.56
CA LEU A 18 -16.51 2.72 1.85
C LEU A 18 -16.06 2.80 3.30
N GLN A 19 -16.28 1.72 4.04
CA GLN A 19 -15.87 1.65 5.43
C GLN A 19 -14.52 0.95 5.56
N LEU A 20 -13.70 1.41 6.49
CA LEU A 20 -12.46 0.72 6.84
C LEU A 20 -12.66 0.00 8.16
N PRO A 21 -12.95 -1.31 8.11
CA PRO A 21 -13.25 -2.09 9.30
C PRO A 21 -12.05 -2.19 10.24
N PRO A 22 -12.32 -2.24 11.56
CA PRO A 22 -11.26 -2.35 12.57
C PRO A 22 -10.40 -3.59 12.37
N ARG A 23 -9.09 -3.43 12.58
CA ARG A 23 -8.11 -4.52 12.47
C ARG A 23 -8.03 -5.16 11.08
N ALA A 24 -8.58 -4.50 10.07
CA ALA A 24 -8.52 -5.02 8.72
C ALA A 24 -7.10 -5.03 8.18
N LEU A 25 -6.24 -4.19 8.75
CA LEU A 25 -4.87 -4.02 8.26
C LEU A 25 -3.85 -4.80 9.08
N VAL A 26 -4.32 -5.51 10.10
CA VAL A 26 -3.44 -6.29 10.97
C VAL A 26 -2.66 -7.35 10.20
N GLY A 27 -1.39 -7.53 10.54
CA GLY A 27 -0.61 -8.62 9.99
C GLY A 27 0.38 -8.20 8.92
N LYS A 28 0.79 -9.16 8.10
CA LYS A 28 1.84 -8.94 7.11
C LYS A 28 1.28 -8.65 5.74
N TRP A 29 1.87 -7.66 5.06
CA TRP A 29 1.47 -7.29 3.71
C TRP A 29 2.69 -7.08 2.84
N TYR A 30 2.51 -7.28 1.54
CA TYR A 30 3.58 -7.04 0.58
C TYR A 30 3.14 -5.96 -0.40
N LEU A 31 3.90 -4.87 -0.46
CA LEU A 31 3.57 -3.77 -1.35
C LEU A 31 4.23 -4.05 -2.69
N ARG A 32 3.44 -4.56 -3.65
CA ARG A 32 4.01 -5.11 -4.86
C ARG A 32 3.67 -4.34 -6.13
N THR A 33 2.72 -3.41 -6.03
CA THR A 33 2.23 -2.70 -7.21
C THR A 33 1.86 -1.25 -6.91
N THR A 34 2.36 -0.31 -7.71
CA THR A 34 2.09 1.10 -7.47
C THR A 34 1.84 1.88 -8.75
N SER A 35 1.25 3.06 -8.60
CA SER A 35 1.08 4.01 -9.69
C SER A 35 1.28 5.43 -9.17
N PRO A 36 2.34 6.12 -9.63
CA PRO A 36 3.35 5.64 -10.57
C PRO A 36 4.24 4.55 -9.99
N ASP A 37 5.02 3.91 -10.86
CA ASP A 37 5.98 2.87 -10.47
C ASP A 37 7.06 3.48 -9.58
N ILE A 38 7.20 2.98 -8.36
CA ILE A 38 8.21 3.50 -7.44
C ILE A 38 9.39 2.54 -7.28
N PHE A 39 9.36 1.43 -7.99
CA PHE A 39 10.24 0.31 -7.68
C PHE A 39 11.64 0.39 -8.28
N LYS A 40 11.96 1.52 -8.88
CA LYS A 40 13.36 1.82 -9.22
C LYS A 40 14.01 2.54 -8.03
N GLN A 41 13.16 3.04 -7.14
CA GLN A 41 13.59 3.83 -5.99
C GLN A 41 13.67 2.98 -4.73
N VAL A 42 12.82 1.95 -4.67
CA VAL A 42 12.72 1.10 -3.49
C VAL A 42 12.07 -0.22 -3.89
N SER A 43 12.48 -1.32 -3.27
CA SER A 43 11.92 -2.62 -3.62
C SER A 43 11.79 -3.55 -2.42
N ASN A 44 11.19 -4.72 -2.66
CA ASN A 44 11.02 -5.76 -1.64
C ASN A 44 10.41 -5.21 -0.37
N ILE A 45 9.23 -4.60 -0.51
CA ILE A 45 8.60 -3.91 0.61
C ILE A 45 7.67 -4.83 1.39
N THR A 46 7.99 -5.05 2.66
CA THR A 46 7.16 -5.87 3.54
C THR A 46 6.66 -5.01 4.70
N GLU A 47 5.37 -5.13 4.98
CA GLU A 47 4.76 -4.39 6.07
C GLU A 47 4.23 -5.35 7.12
N PHE A 48 4.38 -5.01 8.39
CA PHE A 48 3.72 -5.76 9.45
C PHE A 48 3.05 -4.80 10.42
N TYR A 49 1.74 -4.90 10.54
CA TYR A 49 0.98 -3.98 11.38
C TYR A 49 0.32 -4.67 12.56
N SER A 50 0.40 -4.04 13.72
CA SER A 50 -0.31 -4.49 14.91
C SER A 50 -1.36 -3.46 15.29
N ALA A 51 -2.49 -3.93 15.82
CA ALA A 51 -3.58 -3.03 16.17
C ALA A 51 -3.32 -2.33 17.51
N HIS A 52 -3.68 -1.06 17.57
CA HIS A 52 -3.71 -0.32 18.83
C HIS A 52 -4.97 0.53 18.85
N GLY A 53 -6.05 -0.04 19.38
CA GLY A 53 -7.36 0.57 19.26
C GLY A 53 -7.76 0.56 17.81
N ASN A 54 -8.15 1.72 17.28
CA ASN A 54 -8.50 1.85 15.87
C ASN A 54 -7.29 2.23 15.03
N ASP A 55 -6.15 2.42 15.69
CA ASP A 55 -4.92 2.80 15.00
C ASP A 55 -4.01 1.60 14.80
N TYR A 56 -2.87 1.81 14.13
CA TYR A 56 -1.90 0.74 13.95
C TYR A 56 -0.47 1.22 14.20
N TYR A 57 0.37 0.27 14.60
CA TYR A 57 1.80 0.49 14.68
C TYR A 57 2.48 -0.74 14.11
N GLY A 58 3.72 -0.58 13.64
CA GLY A 58 4.43 -1.74 13.13
C GLY A 58 5.75 -1.40 12.48
N THR A 59 6.14 -2.26 11.55
CA THR A 59 7.43 -2.11 10.89
C THR A 59 7.29 -2.23 9.38
N VAL A 60 8.11 -1.47 8.68
CA VAL A 60 8.24 -1.64 7.24
C VAL A 60 9.69 -1.97 6.94
N THR A 61 9.91 -3.03 6.19
CA THR A 61 11.24 -3.37 5.72
C THR A 61 11.26 -3.26 4.19
N ASP A 62 12.39 -2.84 3.65
CA ASP A 62 12.49 -2.65 2.22
C ASP A 62 13.95 -2.70 1.80
N TYR A 63 14.19 -2.86 0.51
CA TYR A 63 15.54 -2.81 0.00
C TYR A 63 15.81 -1.45 -0.66
N SER A 64 16.78 -0.73 -0.11
CA SER A 64 17.16 0.57 -0.63
C SER A 64 18.43 0.45 -1.48
N PRO A 65 18.45 1.12 -2.64
CA PRO A 65 19.67 1.11 -3.47
C PRO A 65 20.87 1.64 -2.70
N GLU A 66 20.64 2.59 -1.80
CA GLU A 66 21.71 3.19 -1.03
C GLU A 66 22.04 2.42 0.24
N TYR A 67 21.02 1.89 0.92
CA TYR A 67 21.22 1.33 2.25
C TYR A 67 21.09 -0.18 2.33
N GLY A 68 20.69 -0.82 1.24
CA GLY A 68 20.42 -2.25 1.26
C GLY A 68 19.16 -2.51 2.06
N LEU A 69 19.07 -3.68 2.68
CA LEU A 69 17.88 -4.02 3.47
C LEU A 69 17.80 -3.15 4.73
N GLU A 70 16.69 -2.44 4.89
CA GLU A 70 16.53 -1.53 6.02
C GLU A 70 15.17 -1.71 6.66
N ALA A 71 15.06 -1.32 7.92
CA ALA A 71 13.81 -1.44 8.66
C ALA A 71 13.40 -0.10 9.27
N HIS A 72 12.10 0.16 9.31
CA HIS A 72 11.61 1.40 9.90
C HIS A 72 10.39 1.12 10.77
N ARG A 73 10.22 1.91 11.82
N ARG A 73 10.24 1.90 11.83
CA ARG A 73 8.99 1.84 12.61
CA ARG A 73 9.01 1.91 12.61
C ARG A 73 7.95 2.81 12.05
C ARG A 73 7.98 2.77 11.91
N VAL A 74 6.72 2.35 11.93
CA VAL A 74 5.65 3.14 11.35
C VAL A 74 4.43 3.22 12.26
N ASN A 75 3.72 4.33 12.17
CA ASN A 75 2.44 4.51 12.84
C ASN A 75 1.35 4.74 11.79
N LEU A 76 0.20 4.11 11.96
CA LEU A 76 -0.97 4.44 11.16
C LEU A 76 -2.02 5.04 12.07
N THR A 77 -2.40 6.29 11.81
CA THR A 77 -3.47 6.95 12.57
C THR A 77 -4.72 7.01 11.72
N VAL A 78 -5.75 6.26 12.13
CA VAL A 78 -6.94 6.06 11.31
C VAL A 78 -8.10 6.98 11.68
N SER A 79 -8.68 7.60 10.67
CA SER A 79 -9.88 8.41 10.84
C SER A 79 -10.85 8.18 9.68
N GLY A 80 -11.85 7.35 9.91
CA GLY A 80 -12.81 7.02 8.87
C GLY A 80 -12.18 6.25 7.72
N SER A 81 -12.25 6.83 6.53
CA SER A 81 -11.71 6.19 5.33
C SER A 81 -10.29 6.67 5.03
N THR A 82 -9.75 7.51 5.90
CA THR A 82 -8.39 8.01 5.70
C THR A 82 -7.48 7.61 6.85
N LEU A 83 -6.18 7.56 6.58
CA LEU A 83 -5.20 7.33 7.63
C LEU A 83 -3.99 8.20 7.42
N LYS A 84 -3.28 8.48 8.50
CA LYS A 84 -2.02 9.21 8.42
C LYS A 84 -0.89 8.22 8.58
N PHE A 85 -0.02 8.18 7.58
CA PHE A 85 1.13 7.28 7.59
C PHE A 85 2.37 8.05 8.04
N TYR A 86 3.03 7.54 9.06
CA TYR A 86 4.24 8.17 9.58
C TYR A 86 5.35 7.15 9.75
N MET A 87 6.53 7.45 9.22
CA MET A 87 7.69 6.57 9.36
C MET A 87 8.74 7.26 10.23
N ASN A 88 9.51 6.48 10.98
CA ASN A 88 10.29 7.05 12.07
C ASN A 88 11.57 7.78 11.65
N ASP A 89 12.23 7.31 10.60
CA ASP A 89 13.55 7.86 10.28
C ASP A 89 13.69 8.43 8.87
N THR A 90 12.59 8.43 8.12
CA THR A 90 12.57 9.06 6.81
C THR A 90 11.12 9.36 6.44
N HIS A 91 10.88 10.49 5.77
CA HIS A 91 9.52 11.00 5.66
C HIS A 91 9.04 11.29 4.24
N ASP A 92 9.68 10.70 3.24
CA ASP A 92 9.28 10.95 1.85
C ASP A 92 7.95 10.29 1.50
N TYR A 93 7.49 9.37 2.34
CA TYR A 93 6.22 8.69 2.07
C TYR A 93 5.15 9.05 3.10
N ASP A 94 5.50 9.94 4.02
CA ASP A 94 4.57 10.42 5.03
C ASP A 94 3.47 11.25 4.39
N SER A 95 2.21 10.85 4.61
CA SER A 95 1.08 11.54 4.00
C SER A 95 -0.23 11.05 4.58
N GLU A 96 -1.29 11.82 4.34
CA GLU A 96 -2.62 11.29 4.48
C GLU A 96 -2.83 10.34 3.33
N TYR A 97 -3.47 9.21 3.61
CA TYR A 97 -3.83 8.26 2.56
C TYR A 97 -5.30 7.89 2.69
N GLN A 98 -5.97 7.79 1.56
CA GLN A 98 -7.38 7.42 1.53
C GLN A 98 -7.53 5.99 1.06
N ILE A 99 -8.29 5.18 1.79
CA ILE A 99 -8.53 3.80 1.39
C ILE A 99 -9.43 3.79 0.15
N LEU A 100 -9.03 3.05 -0.87
CA LEU A 100 -9.80 2.95 -2.11
C LEU A 100 -10.51 1.62 -2.22
N ALA A 101 -9.92 0.60 -1.60
CA ALA A 101 -10.47 -0.75 -1.64
C ALA A 101 -9.87 -1.59 -0.53
N VAL A 102 -10.68 -2.43 0.09
N VAL A 102 -10.71 -2.39 0.10
CA VAL A 102 -10.18 -3.32 1.13
CA VAL A 102 -10.28 -3.34 1.12
C VAL A 102 -10.78 -4.72 1.01
C VAL A 102 -10.74 -4.73 0.73
N ASP A 103 -9.90 -5.72 1.04
N ASP A 103 -9.97 -5.74 1.14
CA ASP A 103 -10.29 -7.11 0.83
CA ASP A 103 -10.30 -7.11 0.87
C ASP A 103 -9.46 -8.00 1.76
C ASP A 103 -9.47 -7.99 1.78
N LYS A 104 -9.84 -9.26 1.90
CA LYS A 104 -9.08 -10.19 2.72
C LYS A 104 -7.68 -10.40 2.15
N ASP A 105 -7.55 -10.28 0.84
CA ASP A 105 -6.29 -10.59 0.15
C ASP A 105 -5.47 -9.37 -0.25
N TYR A 106 -6.06 -8.18 -0.14
CA TYR A 106 -5.36 -6.96 -0.53
C TYR A 106 -6.03 -5.69 -0.02
N PHE A 107 -5.28 -4.60 0.05
CA PHE A 107 -5.91 -3.30 0.19
C PHE A 107 -5.17 -2.25 -0.63
N ILE A 108 -5.91 -1.21 -1.02
CA ILE A 108 -5.39 -0.18 -1.90
C ILE A 108 -5.62 1.18 -1.27
N PHE A 109 -4.60 2.01 -1.19
CA PHE A 109 -4.87 3.38 -0.82
C PHE A 109 -4.07 4.40 -1.64
N TYR A 110 -4.40 5.66 -1.45
CA TYR A 110 -3.94 6.73 -2.32
C TYR A 110 -3.66 7.98 -1.52
N GLY A 111 -2.50 8.59 -1.78
CA GLY A 111 -2.12 9.80 -1.08
C GLY A 111 -1.16 10.60 -1.94
N HIS A 112 -0.65 11.69 -1.36
CA HIS A 112 0.26 12.57 -2.10
C HIS A 112 1.49 12.89 -1.26
N PRO A 113 2.34 11.89 -1.02
CA PRO A 113 3.54 12.12 -0.22
C PRO A 113 4.57 12.94 -0.99
N PRO A 114 5.59 13.48 -0.31
CA PRO A 114 6.66 14.22 -0.99
C PRO A 114 7.31 13.45 -2.13
N ALA A 115 7.37 12.13 -2.01
CA ALA A 115 7.96 11.29 -3.05
C ALA A 115 7.13 11.27 -4.33
N ALA A 116 5.83 11.52 -4.19
CA ALA A 116 4.93 11.55 -5.35
C ALA A 116 3.74 12.48 -5.10
N PRO A 117 4.00 13.80 -5.14
CA PRO A 117 3.01 14.80 -4.70
C PRO A 117 1.79 14.94 -5.62
N SER A 118 1.87 14.44 -6.85
CA SER A 118 0.71 14.49 -7.74
C SER A 118 -0.21 13.30 -7.52
N GLY A 119 0.24 12.35 -6.70
CA GLY A 119 -0.60 11.22 -6.34
C GLY A 119 0.11 9.90 -6.44
N LEU A 120 -0.15 9.02 -5.47
CA LEU A 120 0.48 7.72 -5.42
C LEU A 120 -0.53 6.67 -4.97
N ALA A 121 -0.84 5.73 -5.86
CA ALA A 121 -1.69 4.59 -5.54
C ALA A 121 -0.82 3.40 -5.14
N LEU A 122 -1.16 2.79 -4.01
CA LEU A 122 -0.38 1.67 -3.48
C LEU A 122 -1.26 0.44 -3.30
N ILE A 123 -0.82 -0.70 -3.80
CA ILE A 123 -1.55 -1.95 -3.63
C ILE A 123 -0.77 -2.91 -2.76
N HIS A 124 -1.38 -3.30 -1.64
CA HIS A 124 -0.74 -4.19 -0.67
C HIS A 124 -1.40 -5.56 -0.74
N TYR A 125 -0.61 -6.62 -0.75
CA TYR A 125 -1.14 -7.98 -0.88
C TYR A 125 -0.81 -8.84 0.33
N ARG A 126 -1.68 -9.81 0.61
CA ARG A 126 -1.37 -10.80 1.64
C ARG A 126 -0.31 -11.77 1.15
N GLN A 127 -0.26 -11.94 -0.17
CA GLN A 127 0.65 -12.89 -0.80
C GLN A 127 1.80 -12.15 -1.48
N SER A 128 3.00 -12.69 -1.36
CA SER A 128 4.19 -12.09 -1.96
C SER A 128 4.08 -12.05 -3.48
N CYS A 129 3.55 -13.13 -4.04
CA CYS A 129 3.27 -13.19 -5.48
C CYS A 129 1.82 -13.56 -5.67
N PRO A 130 0.93 -12.55 -5.68
CA PRO A 130 -0.52 -12.82 -5.74
C PRO A 130 -0.92 -13.66 -6.95
N LYS A 131 -1.82 -14.61 -6.72
CA LYS A 131 -2.29 -15.48 -7.79
C LYS A 131 -3.20 -14.72 -8.74
N GLU A 132 -3.41 -15.30 -9.92
CA GLU A 132 -4.16 -14.67 -11.00
C GLU A 132 -5.54 -14.19 -10.58
N ASP A 133 -6.21 -14.96 -9.74
CA ASP A 133 -7.56 -14.62 -9.31
C ASP A 133 -7.60 -13.37 -8.42
N VAL A 134 -6.56 -13.18 -7.61
CA VAL A 134 -6.48 -12.00 -6.76
C VAL A 134 -6.20 -10.76 -7.58
N ILE A 135 -5.30 -10.88 -8.56
CA ILE A 135 -4.97 -9.76 -9.44
C ILE A 135 -6.18 -9.34 -10.26
N LYS A 136 -6.99 -10.31 -10.67
CA LYS A 136 -8.20 -10.00 -11.42
C LYS A 136 -9.19 -9.22 -10.57
N ARG A 137 -9.28 -9.57 -9.29
CA ARG A 137 -10.14 -8.82 -8.38
C ARG A 137 -9.61 -7.40 -8.18
N VAL A 138 -8.29 -7.27 -8.14
CA VAL A 138 -7.65 -5.97 -7.98
C VAL A 138 -7.92 -5.08 -9.20
N LYS A 139 -7.85 -5.69 -10.40
CA LYS A 139 -8.14 -4.98 -11.64
C LYS A 139 -9.56 -4.42 -11.61
N LYS A 140 -10.50 -5.23 -11.15
CA LYS A 140 -11.90 -4.80 -11.06
C LYS A 140 -12.10 -3.72 -10.00
N ASN A 141 -11.39 -3.84 -8.89
CA ASN A 141 -11.46 -2.83 -7.84
C ASN A 141 -10.91 -1.48 -8.30
N LEU A 142 -9.83 -1.52 -9.07
CA LEU A 142 -9.24 -0.30 -9.62
C LEU A 142 -10.22 0.39 -10.56
N LYS A 143 -10.85 -0.38 -11.45
CA LYS A 143 -11.81 0.18 -12.39
C LYS A 143 -12.96 0.83 -11.65
N ASN A 144 -13.34 0.25 -10.52
CA ASN A 144 -14.44 0.75 -9.71
C ASN A 144 -14.15 2.10 -9.05
N VAL A 145 -12.87 2.43 -8.92
CA VAL A 145 -12.46 3.74 -8.40
C VAL A 145 -11.77 4.56 -9.49
N CYS A 146 -12.12 4.27 -10.74
CA CYS A 146 -11.70 5.04 -11.90
C CYS A 146 -10.19 4.99 -12.16
N LEU A 147 -9.55 3.92 -11.72
CA LEU A 147 -8.15 3.71 -12.05
C LEU A 147 -8.01 2.55 -13.02
N ASP A 148 -6.79 2.35 -13.53
CA ASP A 148 -6.57 1.29 -14.51
C ASP A 148 -5.26 0.57 -14.21
N TYR A 149 -5.35 -0.74 -14.03
CA TYR A 149 -4.21 -1.58 -13.68
C TYR A 149 -3.04 -1.46 -14.65
N LYS A 150 -3.34 -1.22 -15.92
CA LYS A 150 -2.30 -1.16 -16.93
C LYS A 150 -1.33 0.01 -16.72
N TYR A 151 -1.72 0.97 -15.90
CA TYR A 151 -0.86 2.12 -15.62
C TYR A 151 -0.12 1.95 -14.30
N PHE A 152 -0.17 0.75 -13.75
CA PHE A 152 0.57 0.41 -12.55
C PHE A 152 1.86 -0.32 -12.90
N GLY A 153 2.83 -0.28 -11.99
CA GLY A 153 4.07 -1.00 -12.19
C GLY A 153 4.31 -2.02 -11.08
N ASN A 154 4.99 -3.11 -11.41
CA ASN A 154 5.29 -4.17 -10.48
C ASN A 154 6.68 -4.06 -9.87
N ASP A 155 6.88 -4.69 -8.72
CA ASP A 155 8.23 -4.87 -8.19
C ASP A 155 8.86 -6.08 -8.87
N THR A 156 9.64 -5.82 -9.92
CA THR A 156 10.24 -6.89 -10.72
C THR A 156 11.45 -7.52 -10.03
N SER A 157 11.87 -6.94 -8.91
CA SER A 157 13.01 -7.46 -8.18
C SER A 157 12.64 -8.70 -7.37
N VAL A 158 11.33 -8.88 -7.15
CA VAL A 158 10.83 -10.08 -6.47
C VAL A 158 10.48 -11.15 -7.50
N PRO A 159 11.13 -12.31 -7.42
CA PRO A 159 10.97 -13.39 -8.40
C PRO A 159 9.64 -14.11 -8.26
N CYS A 160 8.70 -13.81 -9.16
CA CYS A 160 7.39 -14.45 -9.12
C CYS A 160 7.18 -15.42 -10.28
N HIS A 161 8.23 -15.64 -11.06
CA HIS A 161 8.19 -16.60 -12.15
C HIS A 161 9.58 -17.17 -12.40
N TYR A 162 9.64 -18.42 -12.85
CA TYR A 162 10.90 -19.03 -13.22
C TYR A 162 11.35 -18.50 -14.58
#